data_1INE
#
_entry.id   1INE
#
_cell.length_a   99.900
_cell.length_b   85.600
_cell.length_c   77.500
_cell.angle_alpha   90.00
_cell.angle_beta   136.40
_cell.angle_gamma   90.00
#
_symmetry.space_group_name_H-M   'C 1 2 1'
#
loop_
_entity.id
_entity.type
_entity.pdbx_description
1 polymer 'IGG1-LAMBDA CHA255 FAB (LIGHT CHAIN)'
2 polymer 'IGG1-LAMBDA CHA255 FAB (HEAVY CHAIN)'
3 non-polymer 'FE (III) ION'
4 non-polymer '[(1-[(BIS-CARBOXYMETHYL-AMINO)-METHYL]-2-{4-[3-(2-HYDROXY-ETHYL)-THIOUREIDO]-PHENY}-ETHYL)-CARBOXYMETHYL-AMINO]-ACETIC ACID'
5 water water
#
loop_
_entity_poly.entity_id
_entity_poly.type
_entity_poly.pdbx_seq_one_letter_code
_entity_poly.pdbx_strand_id
1 'polypeptide(L)'
;(PCA)AVVTQESALTTSPGETVTLTCRSSTGAVTTSNYANWVQEKPDHLFTGLIGGTNNRAPGVPARFSGSLIGDKAALT
ITGAQTEDEARYFCALWYSNLWVFGGGTKLTVLGQPKSSPSVTLFPPSSEELETNKATLVCTIIDFYPGVVTVDWKVDGT
PVTQGMETTQPSKQSNNKYMASSYLTLTAREWERHSSYSCQVTHEGHTVEKSLSRADCS
;
L
2 'polypeptide(L)'
;EVTLVESGGDSVKPGGSLKLSCAASGFTLSGETMSWVRQTPEKRLEWVATTLSGGGFTFYSASVKGRFTISRDNAQNNLY
LQLNSLRSEDTALYFCASHRFVHWGHGTLVTVSAKTTPPSVYPLAPGSAAQTNSMVTLGCLVKGYFPEPVTVTWNSGSLS
SGVHTFPAVLESDLYTLSSSVTVPSSPRPSETVTCNVAHPASSTKVDKKIVPRDCGCKPCICTVPE
;
H
#
loop_
_chem_comp.id
_chem_comp.type
_chem_comp.name
_chem_comp.formula
EOT non-polymer '[(1-[(BIS-CARBOXYMETHYL-AMINO)-METHYL]-2-{4-[3-(2-HYDROXY-ETHYL)-THIOUREIDO]-PHENY}-ETHYL)-CARBOXYMETHYL-AMINO]-ACETIC ACID' 'C20 H28 N4 O9 S'
FE non-polymer 'FE (III) ION' 'Fe 3'
#
# COMPACT_ATOMS: atom_id res chain seq x y z
N ALA A 2 -17.75 -5.57 -16.38
CA ALA A 2 -16.72 -6.60 -16.59
C ALA A 2 -15.65 -6.56 -15.53
N VAL A 3 -14.78 -7.55 -15.57
CA VAL A 3 -13.63 -7.73 -14.68
C VAL A 3 -12.41 -7.96 -15.60
N VAL A 4 -11.32 -7.38 -15.19
CA VAL A 4 -10.02 -7.42 -15.84
C VAL A 4 -9.11 -8.23 -14.88
N THR A 5 -8.47 -9.21 -15.49
CA THR A 5 -7.58 -10.12 -14.76
C THR A 5 -6.14 -10.03 -15.17
N GLN A 6 -5.33 -10.02 -14.15
CA GLN A 6 -3.87 -9.90 -14.23
C GLN A 6 -3.20 -10.93 -13.34
N GLU A 7 -2.05 -11.39 -13.74
CA GLU A 7 -1.30 -12.40 -12.91
C GLU A 7 -0.85 -11.67 -11.64
N SER A 8 -0.83 -12.25 -10.44
CA SER A 8 -0.47 -11.57 -9.19
C SER A 8 0.91 -10.95 -9.22
N ALA A 9 1.86 -11.76 -9.65
CA ALA A 9 3.27 -11.49 -9.76
C ALA A 9 4.05 -12.49 -10.61
N LEU A 10 5.08 -11.92 -11.17
CA LEU A 10 6.05 -12.57 -12.04
C LEU A 10 7.43 -12.09 -11.57
N THR A 11 8.40 -12.81 -12.05
CA THR A 11 9.79 -12.58 -11.74
C THR A 11 10.63 -13.08 -12.92
N THR A 12 11.65 -12.32 -13.13
CA THR A 12 12.66 -12.50 -14.15
C THR A 12 14.01 -12.07 -13.58
N SER A 13 14.99 -12.27 -14.36
CA SER A 13 16.40 -12.01 -14.29
C SER A 13 16.68 -10.90 -15.31
N PRO A 14 17.60 -9.99 -14.99
CA PRO A 14 17.98 -8.92 -15.93
C PRO A 14 18.26 -9.53 -17.31
N GLY A 15 17.94 -8.88 -18.40
CA GLY A 15 18.17 -9.47 -19.72
C GLY A 15 17.09 -10.34 -20.28
N GLU A 16 16.28 -11.00 -19.48
CA GLU A 16 15.20 -11.86 -20.04
C GLU A 16 14.10 -11.05 -20.70
N THR A 17 13.17 -11.73 -21.33
CA THR A 17 11.99 -11.22 -22.00
C THR A 17 10.80 -11.74 -21.18
N VAL A 18 9.98 -10.86 -20.69
CA VAL A 18 8.83 -11.34 -19.89
C VAL A 18 7.55 -10.74 -20.46
N THR A 19 6.49 -11.53 -20.41
CA THR A 19 5.19 -11.11 -20.91
C THR A 19 4.12 -10.99 -19.85
N LEU A 20 3.48 -9.83 -19.79
CA LEU A 20 2.39 -9.65 -18.82
C LEU A 20 1.09 -9.62 -19.62
N THR A 21 0.07 -10.28 -19.14
CA THR A 21 -1.22 -10.29 -19.88
C THR A 21 -2.29 -9.60 -19.06
N CYS A 22 -3.40 -9.31 -19.69
CA CYS A 22 -4.63 -8.58 -19.25
C CYS A 22 -5.81 -9.25 -19.90
N ARG A 23 -6.82 -9.59 -19.08
CA ARG A 23 -7.96 -10.29 -19.72
C ARG A 23 -9.33 -9.83 -19.30
N SER A 24 -10.21 -9.82 -20.29
CA SER A 24 -11.61 -9.39 -20.04
C SER A 24 -12.51 -10.55 -19.74
N SER A 25 -13.28 -10.49 -18.68
CA SER A 25 -14.19 -11.61 -18.39
C SER A 25 -15.31 -11.65 -19.44
N THR A 26 -15.60 -10.53 -20.10
CA THR A 26 -16.71 -10.52 -21.07
C THR A 26 -16.47 -11.20 -22.39
N GLY A 27 -15.25 -11.36 -22.81
CA GLY A 27 -14.89 -12.03 -24.08
C GLY A 27 -13.51 -11.56 -24.49
N ALA A 28 -13.12 -11.88 -25.71
CA ALA A 28 -11.83 -11.50 -26.24
C ALA A 28 -11.67 -9.99 -26.27
N VAL A 29 -10.54 -9.59 -25.72
CA VAL A 29 -10.13 -8.19 -25.68
C VAL A 29 -9.89 -7.91 -27.21
N THR A 30 -10.19 -6.68 -27.55
CA THR A 30 -10.02 -6.20 -28.93
C THR A 30 -9.55 -4.76 -28.84
N THR A 31 -9.22 -4.24 -29.98
CA THR A 31 -8.75 -2.88 -30.25
C THR A 31 -9.79 -1.88 -29.77
N SER A 32 -11.05 -2.29 -29.78
CA SER A 32 -12.15 -1.44 -29.31
C SER A 32 -12.11 -1.22 -27.81
N ASN A 33 -11.22 -1.85 -27.12
CA ASN A 33 -11.07 -1.75 -25.67
C ASN A 33 -9.93 -0.84 -25.28
N TYR A 34 -9.22 -0.35 -26.26
CA TYR A 34 -8.10 0.55 -26.26
C TYR A 34 -7.15 0.18 -25.14
N ALA A 35 -6.73 -1.06 -25.04
CA ALA A 35 -5.83 -1.56 -23.98
C ALA A 35 -4.78 -0.55 -23.53
N ASN A 36 -4.86 -0.21 -22.27
CA ASN A 36 -3.89 0.75 -21.72
C ASN A 36 -3.10 0.11 -20.57
N TRP A 37 -1.81 0.40 -20.57
CA TRP A 37 -0.83 -0.08 -19.58
C TRP A 37 0.04 0.99 -18.91
N VAL A 38 -0.06 1.07 -17.61
CA VAL A 38 0.72 2.05 -16.82
C VAL A 38 1.67 1.34 -15.84
N GLN A 39 2.63 2.03 -15.29
CA GLN A 39 3.63 1.55 -14.31
C GLN A 39 3.65 2.39 -13.05
N GLU A 40 3.56 1.77 -11.89
CA GLU A 40 3.65 2.47 -10.59
C GLU A 40 5.07 2.30 -10.01
N LYS A 41 5.75 3.40 -9.76
CA LYS A 41 7.13 3.18 -9.14
C LYS A 41 6.99 3.56 -7.70
N PRO A 42 7.97 3.20 -6.86
CA PRO A 42 7.93 3.48 -5.42
C PRO A 42 7.49 4.89 -5.13
N ASP A 43 6.75 5.02 -4.04
CA ASP A 43 6.19 6.31 -3.56
C ASP A 43 5.07 6.68 -4.49
N HIS A 44 4.30 5.72 -4.98
CA HIS A 44 3.15 5.92 -5.86
C HIS A 44 3.31 7.01 -6.92
N LEU A 45 4.21 6.69 -7.82
CA LEU A 45 4.63 7.44 -9.01
C LEU A 45 4.00 6.65 -10.16
N PHE A 46 3.31 7.30 -11.08
CA PHE A 46 2.63 6.64 -12.19
C PHE A 46 2.91 7.31 -13.52
N THR A 47 3.19 6.46 -14.47
CA THR A 47 3.53 6.84 -15.86
C THR A 47 2.88 5.84 -16.82
N GLY A 48 2.09 6.30 -17.75
CA GLY A 48 1.39 5.52 -18.78
C GLY A 48 2.47 5.11 -19.80
N LEU A 49 2.48 3.81 -20.12
CA LEU A 49 3.49 3.29 -21.04
C LEU A 49 2.93 2.99 -22.44
N ILE A 50 1.83 2.32 -22.45
CA ILE A 50 1.17 1.96 -23.69
C ILE A 50 -0.28 2.44 -23.58
N GLY A 51 -0.80 2.73 -24.74
CA GLY A 51 -2.15 3.21 -24.95
C GLY A 51 -2.54 2.85 -26.38
N GLY A 52 -3.83 2.69 -26.60
CA GLY A 52 -4.36 2.35 -27.95
C GLY A 52 -3.93 0.92 -28.39
N THR A 53 -3.64 0.11 -27.41
CA THR A 53 -3.22 -1.31 -27.58
C THR A 53 -1.88 -1.51 -28.37
N ASN A 54 -1.01 -0.49 -28.42
CA ASN A 54 0.31 -0.65 -29.13
C ASN A 54 1.23 0.56 -28.99
N ASN A 55 0.65 1.70 -28.93
CA ASN A 55 1.43 2.91 -28.86
C ASN A 55 1.97 3.22 -27.49
N ARG A 56 3.30 3.31 -27.62
CA ARG A 56 4.28 3.60 -26.61
C ARG A 56 4.35 5.13 -26.49
N ALA A 57 4.08 5.59 -25.29
CA ALA A 57 4.06 7.01 -24.95
C ALA A 57 5.43 7.63 -25.11
N PRO A 58 5.51 8.91 -25.43
CA PRO A 58 6.79 9.65 -25.62
C PRO A 58 7.72 9.48 -24.45
N GLY A 59 9.03 9.37 -24.59
CA GLY A 59 9.83 9.20 -23.35
C GLY A 59 10.18 7.77 -23.07
N VAL A 60 9.22 6.92 -22.85
CA VAL A 60 9.29 5.47 -22.55
C VAL A 60 10.21 4.77 -23.55
N PRO A 61 11.16 3.97 -23.05
CA PRO A 61 12.12 3.22 -23.87
C PRO A 61 11.53 2.08 -24.65
N ALA A 62 12.15 1.75 -25.77
CA ALA A 62 11.80 0.69 -26.71
C ALA A 62 11.56 -0.73 -26.14
N ARG A 63 12.07 -0.97 -25.02
CA ARG A 63 12.00 -2.31 -24.36
C ARG A 63 10.51 -2.68 -23.98
N PHE A 64 9.62 -1.75 -24.06
CA PHE A 64 8.22 -2.07 -23.75
C PHE A 64 7.40 -2.04 -25.06
N SER A 65 6.66 -3.11 -25.27
CA SER A 65 5.79 -3.25 -26.45
C SER A 65 4.43 -3.79 -25.99
N GLY A 66 3.42 -3.31 -26.67
CA GLY A 66 2.03 -3.68 -26.42
C GLY A 66 1.51 -4.40 -27.66
N SER A 67 0.57 -5.29 -27.41
CA SER A 67 -0.08 -6.10 -28.44
C SER A 67 -1.15 -6.98 -27.79
N LEU A 68 -1.81 -7.71 -28.66
CA LEU A 68 -2.86 -8.68 -28.29
C LEU A 68 -2.40 -10.04 -28.80
N ILE A 69 -2.36 -10.99 -27.92
CA ILE A 69 -1.91 -12.37 -28.29
C ILE A 69 -2.84 -13.27 -27.51
N GLY A 70 -3.58 -14.07 -28.27
CA GLY A 70 -4.56 -14.95 -27.57
C GLY A 70 -5.76 -14.03 -27.42
N ASP A 71 -6.68 -14.31 -26.52
CA ASP A 71 -7.87 -13.34 -26.46
C ASP A 71 -7.62 -12.29 -25.42
N LYS A 72 -6.35 -11.92 -25.29
CA LYS A 72 -5.89 -10.97 -24.28
C LYS A 72 -4.88 -9.98 -24.79
N ALA A 73 -4.78 -8.92 -24.01
CA ALA A 73 -3.86 -7.80 -24.21
C ALA A 73 -2.55 -8.28 -23.64
N ALA A 74 -1.41 -7.77 -23.99
CA ALA A 74 -0.15 -8.27 -23.42
C ALA A 74 0.86 -7.13 -23.55
N LEU A 75 1.82 -7.14 -22.69
CA LEU A 75 2.92 -6.21 -22.59
C LEU A 75 4.19 -7.07 -22.45
N THR A 76 4.99 -6.88 -23.48
CA THR A 76 6.26 -7.61 -23.52
C THR A 76 7.36 -6.63 -23.19
N ILE A 77 8.25 -7.03 -22.33
CA ILE A 77 9.43 -6.30 -21.86
C ILE A 77 10.60 -7.24 -22.31
N THR A 78 11.24 -6.86 -23.39
CA THR A 78 12.36 -7.47 -24.10
C THR A 78 13.66 -7.17 -23.37
N GLY A 79 14.41 -8.08 -22.77
CA GLY A 79 15.69 -7.73 -22.09
C GLY A 79 15.37 -6.77 -20.93
N ALA A 80 14.54 -7.29 -20.03
CA ALA A 80 14.01 -6.68 -18.82
C ALA A 80 15.11 -6.20 -17.90
N GLN A 81 15.17 -4.87 -17.72
CA GLN A 81 16.20 -4.26 -16.86
C GLN A 81 15.86 -4.25 -15.40
N THR A 82 16.91 -4.03 -14.60
CA THR A 82 16.73 -3.99 -13.14
C THR A 82 15.78 -2.90 -12.67
N GLU A 83 15.85 -1.76 -13.30
CA GLU A 83 14.95 -0.63 -12.89
C GLU A 83 13.50 -0.83 -13.30
N ASP A 84 13.17 -2.00 -13.86
CA ASP A 84 11.78 -2.30 -14.30
C ASP A 84 10.99 -2.98 -13.22
N GLU A 85 11.66 -3.28 -12.10
CA GLU A 85 10.98 -3.89 -10.94
C GLU A 85 10.03 -2.72 -10.54
N ALA A 86 8.75 -2.94 -10.75
CA ALA A 86 7.64 -1.99 -10.50
C ALA A 86 6.29 -2.67 -10.48
N ARG A 87 5.16 -2.00 -10.46
CA ARG A 87 3.82 -2.62 -10.50
C ARG A 87 3.17 -2.26 -11.86
N TYR A 88 2.70 -3.22 -12.60
CA TYR A 88 2.10 -2.95 -13.92
C TYR A 88 0.64 -3.21 -14.11
N PHE A 89 -0.10 -2.13 -14.15
CA PHE A 89 -1.54 -2.08 -14.32
C PHE A 89 -2.03 -1.98 -15.76
N CYS A 90 -3.21 -2.52 -15.95
CA CYS A 90 -3.86 -2.50 -17.25
C CYS A 90 -5.28 -1.93 -17.07
N ALA A 91 -5.64 -1.18 -18.12
CA ALA A 91 -6.96 -0.57 -18.14
C ALA A 91 -7.56 -0.86 -19.54
N LEU A 92 -8.81 -1.22 -19.54
CA LEU A 92 -9.58 -1.50 -20.73
C LEU A 92 -10.86 -0.61 -20.66
N TRP A 93 -11.08 -0.05 -21.83
CA TRP A 93 -12.20 0.85 -22.12
C TRP A 93 -13.32 -0.03 -22.73
N TYR A 94 -14.44 -0.09 -22.08
CA TYR A 94 -15.66 -0.81 -22.44
C TYR A 94 -16.75 0.21 -22.84
N SER A 95 -16.47 1.03 -23.82
CA SER A 95 -17.27 2.07 -24.47
C SER A 95 -18.27 2.80 -23.54
N ASN A 96 -17.76 3.34 -22.44
CA ASN A 96 -18.61 4.07 -21.46
C ASN A 96 -17.84 4.39 -20.19
N LEU A 97 -16.93 3.49 -19.90
CA LEU A 97 -16.08 3.56 -18.73
C LEU A 97 -14.71 2.86 -18.96
N TRP A 98 -13.93 2.87 -17.88
CA TRP A 98 -12.58 2.24 -17.79
C TRP A 98 -12.60 1.21 -16.65
N VAL A 99 -12.09 0.03 -16.93
CA VAL A 99 -11.98 -1.05 -15.93
C VAL A 99 -10.41 -1.19 -15.81
N PHE A 100 -10.01 -1.04 -14.57
CA PHE A 100 -8.58 -1.17 -14.22
C PHE A 100 -8.40 -2.60 -13.65
N GLY A 101 -7.25 -3.16 -13.97
CA GLY A 101 -6.92 -4.53 -13.49
C GLY A 101 -6.12 -4.41 -12.20
N GLY A 102 -5.87 -5.51 -11.51
CA GLY A 102 -5.12 -5.47 -10.25
C GLY A 102 -3.65 -5.32 -10.30
N GLY A 103 -2.97 -5.12 -11.41
CA GLY A 103 -1.49 -4.98 -11.43
C GLY A 103 -0.81 -6.34 -11.19
N THR A 104 0.43 -6.36 -11.61
CA THR A 104 1.41 -7.43 -11.57
C THR A 104 2.70 -6.84 -10.91
N LYS A 105 3.14 -7.45 -9.80
CA LYS A 105 4.38 -6.94 -9.14
C LYS A 105 5.52 -7.67 -9.88
N LEU A 106 6.27 -6.91 -10.66
CA LEU A 106 7.37 -7.51 -11.45
C LEU A 106 8.66 -7.33 -10.65
N THR A 107 9.38 -8.43 -10.60
CA THR A 107 10.66 -8.56 -9.92
C THR A 107 11.69 -8.90 -11.00
N VAL A 108 12.78 -8.20 -10.91
CA VAL A 108 13.96 -8.37 -11.78
C VAL A 108 14.96 -8.69 -10.67
N LEU A 109 15.22 -10.00 -10.54
CA LEU A 109 16.13 -10.54 -9.54
C LEU A 109 17.42 -9.70 -9.62
N GLY A 110 17.54 -8.79 -8.67
CA GLY A 110 18.70 -7.88 -8.58
C GLY A 110 19.69 -8.34 -7.49
N GLN A 111 19.36 -9.47 -6.89
CA GLN A 111 20.17 -10.09 -5.81
C GLN A 111 19.51 -11.41 -5.46
N PRO A 112 20.25 -12.42 -4.94
CA PRO A 112 19.65 -13.71 -4.65
C PRO A 112 18.33 -13.76 -3.96
N LYS A 113 17.59 -14.85 -4.22
CA LYS A 113 16.28 -15.08 -3.58
C LYS A 113 16.55 -15.06 -2.09
N SER A 114 15.70 -14.65 -1.20
CA SER A 114 16.06 -14.64 0.25
C SER A 114 14.85 -14.91 1.08
N SER A 115 15.08 -15.45 2.27
CA SER A 115 13.90 -15.74 3.11
C SER A 115 13.61 -14.79 4.22
N PRO A 116 12.34 -14.69 4.60
CA PRO A 116 11.87 -13.83 5.68
C PRO A 116 12.31 -14.23 7.10
N SER A 117 12.44 -13.21 7.92
CA SER A 117 12.81 -13.25 9.34
C SER A 117 11.50 -12.83 10.02
N VAL A 118 10.82 -13.79 10.53
CA VAL A 118 9.53 -13.68 11.23
C VAL A 118 9.82 -13.69 12.73
N THR A 119 9.01 -12.95 13.46
CA THR A 119 9.07 -12.80 14.92
C THR A 119 7.65 -12.48 15.40
N LEU A 120 7.13 -13.24 16.32
CA LEU A 120 5.79 -13.03 16.88
C LEU A 120 5.83 -12.38 18.26
N PHE A 121 5.13 -11.25 18.38
CA PHE A 121 5.11 -10.61 19.70
C PHE A 121 3.77 -10.86 20.41
N PRO A 122 3.84 -11.25 21.67
CA PRO A 122 2.63 -11.44 22.53
C PRO A 122 2.14 -10.02 22.91
N PRO A 123 0.91 -9.80 23.35
CA PRO A 123 0.31 -8.54 23.77
C PRO A 123 0.94 -7.97 25.03
N SER A 124 1.00 -6.65 25.10
CA SER A 124 1.59 -6.02 26.30
C SER A 124 0.59 -6.03 27.44
N SER A 125 1.16 -5.92 28.62
CA SER A 125 0.35 -5.88 29.87
C SER A 125 -0.41 -4.55 29.84
N GLU A 126 0.29 -3.41 29.74
CA GLU A 126 -0.28 -2.06 29.68
C GLU A 126 -1.58 -2.08 28.84
N GLU A 127 -1.45 -2.68 27.67
CA GLU A 127 -2.49 -2.88 26.69
C GLU A 127 -3.56 -3.86 27.15
N LEU A 128 -3.23 -5.02 27.70
CA LEU A 128 -4.26 -5.98 28.18
C LEU A 128 -5.21 -5.28 29.18
N GLU A 129 -4.69 -4.33 29.93
CA GLU A 129 -5.47 -3.54 30.92
C GLU A 129 -6.60 -2.76 30.23
N THR A 130 -6.29 -2.24 29.04
CA THR A 130 -7.28 -1.45 28.26
C THR A 130 -8.31 -2.41 27.56
N ASN A 131 -8.17 -3.70 27.89
CA ASN A 131 -9.06 -4.81 27.37
C ASN A 131 -8.84 -5.12 25.86
N LYS A 132 -7.64 -4.87 25.39
CA LYS A 132 -7.27 -5.14 23.98
C LYS A 132 -5.99 -5.99 23.93
N ALA A 133 -5.93 -6.84 22.92
CA ALA A 133 -4.80 -7.75 22.73
C ALA A 133 -4.34 -7.80 21.28
N THR A 134 -3.33 -6.94 21.08
CA THR A 134 -2.70 -6.83 19.78
C THR A 134 -1.44 -7.73 19.81
N LEU A 135 -1.46 -8.74 18.97
CA LEU A 135 -0.30 -9.65 18.82
C LEU A 135 0.38 -9.05 17.56
N VAL A 136 1.66 -8.90 17.50
CA VAL A 136 2.32 -8.32 16.31
C VAL A 136 3.25 -9.38 15.71
N CYS A 137 3.21 -9.49 14.41
CA CYS A 137 4.07 -10.43 13.67
C CYS A 137 4.76 -9.53 12.66
N THR A 138 6.06 -9.67 12.69
CA THR A 138 6.88 -8.87 11.76
C THR A 138 7.66 -9.83 10.88
N ILE A 139 7.63 -9.44 9.65
CA ILE A 139 8.26 -10.17 8.51
C ILE A 139 9.34 -9.22 8.02
N ILE A 140 10.55 -9.72 7.84
CA ILE A 140 11.72 -8.95 7.41
C ILE A 140 12.64 -9.70 6.48
N ASP A 141 13.44 -8.89 5.78
CA ASP A 141 14.50 -9.21 4.83
C ASP A 141 14.20 -10.29 3.83
N PHE A 142 12.96 -10.34 3.35
CA PHE A 142 12.52 -11.35 2.35
C PHE A 142 12.64 -10.73 0.96
N TYR A 143 13.01 -11.54 -0.02
CA TYR A 143 13.17 -11.19 -1.43
C TYR A 143 12.89 -12.37 -2.38
N PRO A 144 11.95 -12.29 -3.33
CA PRO A 144 11.00 -11.26 -3.75
C PRO A 144 9.96 -10.84 -2.72
N GLY A 145 9.42 -9.66 -2.96
CA GLY A 145 8.49 -8.96 -2.10
C GLY A 145 7.11 -9.45 -2.12
N VAL A 146 6.97 -10.71 -1.77
CA VAL A 146 5.58 -11.24 -1.81
C VAL A 146 5.56 -12.27 -0.68
N VAL A 147 4.45 -12.22 0.03
CA VAL A 147 4.22 -13.12 1.16
C VAL A 147 2.70 -13.11 1.44
N THR A 148 2.37 -14.28 1.96
CA THR A 148 1.02 -14.61 2.39
C THR A 148 1.17 -14.86 3.89
N VAL A 149 0.27 -14.21 4.58
CA VAL A 149 0.26 -14.39 6.05
C VAL A 149 -1.11 -15.05 6.31
N ASP A 150 -1.07 -15.97 7.23
CA ASP A 150 -2.25 -16.72 7.68
C ASP A 150 -2.01 -16.86 9.20
N TRP A 151 -3.12 -16.68 9.89
CA TRP A 151 -3.15 -16.75 11.35
C TRP A 151 -3.95 -17.96 11.81
N LYS A 152 -3.45 -18.57 12.86
CA LYS A 152 -4.01 -19.74 13.55
C LYS A 152 -4.00 -19.55 15.08
N VAL A 153 -5.17 -19.88 15.62
CA VAL A 153 -5.48 -19.80 17.04
C VAL A 153 -6.04 -21.20 17.47
N ASP A 154 -5.13 -21.96 18.12
CA ASP A 154 -5.38 -23.35 18.64
C ASP A 154 -5.58 -24.36 17.49
N GLY A 155 -5.06 -24.01 16.34
CA GLY A 155 -5.16 -24.85 15.13
C GLY A 155 -5.97 -24.11 14.08
N THR A 156 -7.19 -23.77 14.48
CA THR A 156 -8.15 -23.05 13.63
C THR A 156 -7.53 -21.77 13.06
N PRO A 157 -7.70 -21.61 11.77
CA PRO A 157 -7.19 -20.40 11.09
C PRO A 157 -8.07 -19.25 11.62
N VAL A 158 -7.42 -18.17 12.05
CA VAL A 158 -8.30 -17.05 12.60
C VAL A 158 -8.61 -16.19 11.40
N THR A 159 -9.83 -16.41 11.00
CA THR A 159 -10.47 -15.78 9.86
C THR A 159 -10.67 -14.30 9.95
N GLN A 160 -10.46 -13.60 11.09
CA GLN A 160 -10.73 -12.14 11.10
C GLN A 160 -10.06 -11.23 12.13
N GLY A 161 -9.88 -9.97 11.79
CA GLY A 161 -9.32 -8.95 12.70
C GLY A 161 -7.81 -9.02 12.82
N MET A 162 -7.35 -9.31 11.63
CA MET A 162 -5.97 -9.47 11.28
C MET A 162 -5.74 -8.56 10.08
N GLU A 163 -4.76 -7.71 10.25
CA GLU A 163 -4.48 -6.78 9.13
C GLU A 163 -2.99 -6.92 8.88
N THR A 164 -2.71 -6.98 7.61
CA THR A 164 -1.30 -7.13 7.21
C THR A 164 -0.93 -5.87 6.47
N THR A 165 0.36 -5.55 6.42
CA THR A 165 0.70 -4.30 5.68
C THR A 165 1.04 -4.74 4.26
N GLN A 166 1.65 -3.86 3.52
CA GLN A 166 2.08 -3.94 2.15
C GLN A 166 3.59 -3.92 2.15
N PRO A 167 4.23 -4.96 1.63
CA PRO A 167 5.70 -5.02 1.56
C PRO A 167 6.28 -3.68 1.09
N SER A 168 7.39 -3.25 1.64
CA SER A 168 8.09 -1.99 1.33
C SER A 168 9.58 -2.30 1.22
N LYS A 169 10.32 -1.40 0.58
CA LYS A 169 11.73 -1.60 0.36
C LYS A 169 12.65 -1.10 1.45
N GLN A 170 13.54 -2.02 1.81
CA GLN A 170 14.56 -1.73 2.83
C GLN A 170 15.70 -1.09 2.06
N SER A 171 16.68 -0.51 2.74
CA SER A 171 17.80 0.06 1.96
C SER A 171 18.52 -1.08 1.21
N ASN A 172 18.45 -2.32 1.71
CA ASN A 172 19.13 -3.41 0.97
C ASN A 172 18.22 -3.97 -0.12
N ASN A 173 17.29 -3.14 -0.53
CA ASN A 173 16.29 -3.38 -1.58
C ASN A 173 15.51 -4.68 -1.42
N LYS A 174 15.50 -5.12 -0.19
CA LYS A 174 14.80 -6.30 0.31
C LYS A 174 13.47 -5.75 0.82
N TYR A 175 12.58 -6.61 1.32
CA TYR A 175 11.29 -6.05 1.80
C TYR A 175 10.95 -6.51 3.20
N MET A 176 9.99 -5.86 3.79
CA MET A 176 9.43 -6.01 5.11
C MET A 176 7.92 -5.87 5.13
N ALA A 177 7.31 -6.40 6.17
CA ALA A 177 5.84 -6.34 6.35
C ALA A 177 5.50 -6.72 7.78
N SER A 178 4.25 -6.53 8.15
CA SER A 178 3.79 -6.84 9.49
C SER A 178 2.29 -7.13 9.52
N SER A 179 1.97 -8.17 10.27
CA SER A 179 0.54 -8.53 10.43
C SER A 179 0.20 -8.31 11.91
N TYR A 180 -1.07 -8.17 12.19
CA TYR A 180 -1.67 -7.93 13.49
C TYR A 180 -2.89 -8.80 13.69
N LEU A 181 -3.17 -9.16 14.89
CA LEU A 181 -4.36 -9.93 15.28
C LEU A 181 -4.90 -9.11 16.47
N THR A 182 -6.19 -8.92 16.52
CA THR A 182 -6.79 -8.11 17.61
C THR A 182 -8.03 -8.81 18.14
N LEU A 183 -7.90 -9.13 19.38
CA LEU A 183 -8.88 -9.81 20.20
C LEU A 183 -9.11 -8.89 21.40
N THR A 184 -10.19 -9.16 22.12
CA THR A 184 -10.44 -8.33 23.34
C THR A 184 -9.56 -9.01 24.37
N ALA A 185 -9.44 -8.50 25.59
CA ALA A 185 -8.57 -9.23 26.57
C ALA A 185 -9.18 -10.58 26.97
N ARG A 186 -10.46 -10.71 26.78
CA ARG A 186 -11.33 -11.85 27.07
C ARG A 186 -11.19 -12.96 26.07
N GLU A 187 -11.15 -12.64 24.78
CA GLU A 187 -10.99 -13.64 23.69
C GLU A 187 -9.64 -14.32 23.86
N TRP A 188 -8.62 -13.52 24.13
CA TRP A 188 -7.23 -13.91 24.36
C TRP A 188 -7.12 -15.02 25.42
N GLU A 189 -7.81 -14.80 26.53
CA GLU A 189 -7.85 -15.71 27.69
C GLU A 189 -8.37 -17.08 27.26
N ARG A 190 -9.47 -17.14 26.55
CA ARG A 190 -10.04 -18.41 26.08
C ARG A 190 -9.08 -19.30 25.27
N HIS A 191 -7.98 -18.81 24.71
CA HIS A 191 -7.06 -19.64 23.91
C HIS A 191 -5.61 -19.66 24.41
N SER A 192 -5.05 -20.87 24.37
CA SER A 192 -3.69 -21.22 24.77
C SER A 192 -2.67 -21.36 23.66
N SER A 193 -3.10 -21.33 22.40
CA SER A 193 -2.08 -21.48 21.31
C SER A 193 -2.30 -20.45 20.21
N TYR A 194 -1.20 -19.81 19.79
CA TYR A 194 -1.29 -18.81 18.74
C TYR A 194 -0.18 -18.87 17.71
N SER A 195 -0.54 -19.04 16.45
CA SER A 195 0.44 -19.10 15.36
C SER A 195 0.21 -18.03 14.27
N CYS A 196 1.34 -17.56 13.76
CA CYS A 196 1.59 -16.59 12.70
C CYS A 196 2.32 -17.47 11.63
N GLN A 197 1.73 -17.53 10.44
CA GLN A 197 2.35 -18.34 9.37
C GLN A 197 2.70 -17.48 8.16
N VAL A 198 3.99 -17.53 7.85
CA VAL A 198 4.46 -16.72 6.70
C VAL A 198 5.03 -17.62 5.60
N THR A 199 4.25 -17.68 4.52
CA THR A 199 4.52 -18.43 3.29
C THR A 199 5.28 -17.52 2.31
N HIS A 200 6.31 -18.04 1.67
CA HIS A 200 7.17 -17.33 0.72
C HIS A 200 7.75 -18.37 -0.24
N GLU A 201 7.53 -18.22 -1.53
CA GLU A 201 7.99 -19.07 -2.63
C GLU A 201 7.87 -20.54 -2.33
N GLY A 202 6.63 -20.95 -1.97
CA GLY A 202 6.48 -22.38 -1.64
C GLY A 202 6.94 -22.75 -0.25
N HIS A 203 7.54 -21.84 0.53
CA HIS A 203 7.98 -22.20 1.90
C HIS A 203 7.34 -21.39 3.01
N THR A 204 6.57 -22.17 3.81
CA THR A 204 5.87 -21.67 4.98
C THR A 204 6.97 -21.65 6.09
N VAL A 205 6.91 -20.60 6.84
CA VAL A 205 7.74 -20.24 7.97
C VAL A 205 6.63 -19.99 9.03
N GLU A 206 6.91 -20.62 10.14
CA GLU A 206 6.01 -20.54 11.28
C GLU A 206 6.87 -20.23 12.53
N LYS A 207 6.27 -19.34 13.27
CA LYS A 207 6.73 -18.75 14.52
C LYS A 207 5.53 -18.84 15.47
N SER A 208 5.79 -19.31 16.67
CA SER A 208 4.72 -19.47 17.66
C SER A 208 5.07 -19.08 19.09
N LEU A 209 3.99 -19.18 19.85
CA LEU A 209 3.85 -18.99 21.26
C LEU A 209 2.65 -19.82 21.75
N SER A 210 2.97 -20.41 22.89
CA SER A 210 2.02 -21.23 23.64
C SER A 210 1.65 -20.35 24.85
N ARG A 211 0.40 -19.85 24.84
CA ARG A 211 -0.11 -18.99 25.92
C ARG A 211 -0.26 -19.79 27.20
N ALA A 212 -0.79 -21.01 27.11
CA ALA A 212 -0.95 -21.83 28.34
C ALA A 212 -1.02 -23.33 28.05
N GLU B 1 7.02 21.41 -21.06
CA GLU B 1 6.84 20.25 -20.15
C GLU B 1 5.42 20.34 -19.59
N VAL B 2 4.81 19.18 -19.41
CA VAL B 2 3.46 19.04 -18.84
C VAL B 2 3.69 18.90 -17.32
N THR B 3 2.70 19.30 -16.55
CA THR B 3 2.69 19.25 -15.08
C THR B 3 1.27 19.24 -14.56
N LEU B 4 0.97 18.38 -13.61
CA LEU B 4 -0.40 18.35 -13.06
C LEU B 4 -0.31 18.29 -11.54
N VAL B 5 -0.91 19.22 -10.83
CA VAL B 5 -0.75 19.09 -9.35
C VAL B 5 -2.14 19.24 -8.75
N GLU B 6 -2.44 18.17 -8.03
CA GLU B 6 -3.74 18.10 -7.36
C GLU B 6 -3.69 18.58 -5.94
N SER B 7 -4.78 19.14 -5.45
CA SER B 7 -4.84 19.65 -4.08
C SER B 7 -6.26 19.57 -3.57
N GLY B 8 -6.44 19.86 -2.28
CA GLY B 8 -7.82 19.78 -1.76
C GLY B 8 -8.03 18.70 -0.75
N GLY B 9 -7.23 17.64 -0.86
CA GLY B 9 -7.32 16.52 0.08
C GLY B 9 -7.16 17.02 1.52
N ASP B 10 -7.91 16.38 2.38
CA ASP B 10 -7.97 16.65 3.82
C ASP B 10 -8.78 15.58 4.53
N SER B 11 -8.73 15.60 5.88
CA SER B 11 -9.56 14.62 6.62
C SER B 11 -11.01 15.04 6.35
N VAL B 12 -11.98 14.24 6.63
CA VAL B 12 -13.38 14.60 6.39
C VAL B 12 -14.18 13.53 7.13
N LYS B 13 -15.28 14.04 7.63
CA LYS B 13 -16.21 13.19 8.36
C LYS B 13 -17.05 12.46 7.34
N PRO B 14 -17.47 11.24 7.68
CA PRO B 14 -18.37 10.46 6.79
C PRO B 14 -19.55 11.38 6.50
N GLY B 15 -20.11 11.38 5.31
CA GLY B 15 -21.23 12.28 4.96
C GLY B 15 -20.74 13.65 4.46
N GLY B 16 -19.58 14.10 4.89
CA GLY B 16 -19.00 15.37 4.51
C GLY B 16 -18.71 15.46 3.01
N SER B 17 -18.71 16.67 2.52
CA SER B 17 -18.45 17.11 1.16
C SER B 17 -17.04 17.69 1.06
N LEU B 18 -16.40 17.53 -0.09
CA LEU B 18 -15.03 18.02 -0.31
C LEU B 18 -14.86 18.36 -1.78
N LYS B 19 -13.99 19.31 -2.10
CA LYS B 19 -13.80 19.64 -3.55
C LYS B 19 -12.33 19.54 -3.90
N LEU B 20 -11.95 18.67 -4.80
CA LEU B 20 -10.51 18.54 -5.19
C LEU B 20 -10.17 19.31 -6.42
N SER B 21 -8.95 19.63 -6.76
CA SER B 21 -8.53 20.40 -7.93
C SER B 21 -7.23 19.90 -8.56
N CYS B 22 -7.30 19.87 -9.89
CA CYS B 22 -6.10 19.43 -10.65
C CYS B 22 -5.67 20.69 -11.41
N ALA B 23 -4.51 21.23 -11.17
CA ALA B 23 -4.13 22.44 -11.95
C ALA B 23 -3.16 21.92 -13.03
N ALA B 24 -3.38 22.35 -14.25
CA ALA B 24 -2.48 21.88 -15.34
C ALA B 24 -1.45 22.93 -15.72
N SER B 25 -0.50 22.51 -16.52
CA SER B 25 0.59 23.29 -17.04
C SER B 25 1.20 22.47 -18.18
N GLY B 26 1.67 23.18 -19.18
CA GLY B 26 2.28 22.57 -20.36
C GLY B 26 1.30 22.28 -21.47
N PHE B 27 0.02 22.60 -21.23
CA PHE B 27 -1.01 22.35 -22.25
C PHE B 27 -2.33 23.06 -21.92
N THR B 28 -3.16 23.05 -22.94
CA THR B 28 -4.51 23.62 -22.91
C THR B 28 -5.51 22.47 -22.69
N LEU B 29 -6.18 22.58 -21.59
CA LEU B 29 -7.18 21.72 -21.01
C LEU B 29 -8.40 21.36 -21.84
N SER B 30 -8.93 22.31 -22.55
CA SER B 30 -10.11 22.27 -23.44
C SER B 30 -10.12 21.07 -24.39
N GLY B 31 -9.01 20.88 -25.08
CA GLY B 31 -8.82 19.78 -26.05
C GLY B 31 -7.84 18.80 -25.43
N GLU B 32 -8.35 18.30 -24.30
CA GLU B 32 -7.62 17.34 -23.50
C GLU B 32 -8.66 16.68 -22.60
N THR B 33 -8.62 15.35 -22.77
CA THR B 33 -9.53 14.51 -21.98
C THR B 33 -8.71 14.29 -20.69
N MET B 34 -9.44 14.45 -19.61
CA MET B 34 -8.94 14.34 -18.25
C MET B 34 -9.77 13.28 -17.54
N SER B 35 -9.00 12.55 -16.75
CA SER B 35 -9.57 11.45 -15.97
C SER B 35 -9.20 11.62 -14.51
N TRP B 36 -10.05 11.19 -13.61
CA TRP B 36 -9.82 11.23 -12.16
C TRP B 36 -9.83 9.70 -11.81
N VAL B 37 -8.76 9.29 -11.23
CA VAL B 37 -8.47 7.91 -10.79
C VAL B 37 -8.19 7.97 -9.28
N ARG B 38 -8.20 6.83 -8.62
CA ARG B 38 -7.94 6.72 -7.20
C ARG B 38 -7.23 5.40 -6.84
N GLN B 39 -6.27 5.54 -5.95
CA GLN B 39 -5.49 4.36 -5.44
C GLN B 39 -5.92 4.19 -3.96
N THR B 40 -6.50 3.05 -3.68
CA THR B 40 -7.01 2.79 -2.30
C THR B 40 -5.93 2.32 -1.36
N PRO B 41 -6.15 2.30 -0.06
CA PRO B 41 -5.12 1.82 0.90
C PRO B 41 -4.59 0.45 0.52
N GLU B 42 -5.51 -0.42 0.10
CA GLU B 42 -5.34 -1.79 -0.39
C GLU B 42 -4.35 -1.82 -1.55
N LYS B 43 -3.97 -0.66 -2.08
CA LYS B 43 -3.04 -0.36 -3.20
C LYS B 43 -3.60 -0.80 -4.57
N ARG B 44 -4.91 -0.69 -4.68
CA ARG B 44 -5.69 -0.97 -5.89
C ARG B 44 -5.98 0.39 -6.59
N LEU B 45 -6.01 0.40 -7.90
CA LEU B 45 -6.31 1.52 -8.77
C LEU B 45 -7.79 1.32 -9.19
N GLU B 46 -8.53 2.41 -9.12
CA GLU B 46 -9.95 2.46 -9.47
C GLU B 46 -10.17 3.74 -10.30
N TRP B 47 -11.04 3.60 -11.31
CA TRP B 47 -11.42 4.70 -12.18
C TRP B 47 -12.59 5.46 -11.45
N VAL B 48 -12.52 6.77 -11.56
CA VAL B 48 -13.59 7.54 -10.89
C VAL B 48 -14.44 8.24 -11.96
N ALA B 49 -13.77 9.09 -12.74
CA ALA B 49 -14.47 9.85 -13.78
C ALA B 49 -13.58 10.28 -14.92
N THR B 50 -14.21 10.51 -16.05
CA THR B 50 -13.54 10.96 -17.26
C THR B 50 -14.44 12.00 -17.94
N THR B 51 -13.78 13.06 -18.28
CA THR B 51 -14.41 14.20 -18.97
C THR B 51 -13.71 14.26 -20.31
N LEU B 52 -14.49 14.23 -21.39
CA LEU B 52 -13.93 14.25 -22.75
C LEU B 52 -13.63 15.71 -23.14
N SER B 53 -12.81 15.83 -24.17
CA SER B 53 -12.44 17.19 -24.67
C SER B 53 -13.56 17.64 -25.62
N GLY B 54 -13.33 18.76 -26.30
CA GLY B 54 -14.32 19.42 -27.25
C GLY B 54 -15.15 20.06 -26.09
N GLY B 55 -16.31 19.51 -25.89
CA GLY B 55 -17.22 19.93 -24.78
C GLY B 55 -18.12 18.70 -24.57
N GLY B 56 -17.58 17.51 -24.74
CA GLY B 56 -18.27 16.26 -24.64
C GLY B 56 -18.65 15.75 -23.29
N PHE B 57 -19.16 14.53 -23.27
CA PHE B 57 -19.59 13.79 -22.11
C PHE B 57 -18.49 13.60 -21.04
N THR B 58 -19.02 13.29 -19.87
CA THR B 58 -18.34 13.01 -18.62
C THR B 58 -18.89 11.63 -18.22
N PHE B 59 -17.98 10.72 -17.99
CA PHE B 59 -18.37 9.34 -17.59
C PHE B 59 -17.86 9.20 -16.14
N TYR B 60 -18.73 8.65 -15.34
CA TYR B 60 -18.63 8.35 -13.95
C TYR B 60 -18.59 6.85 -13.72
N SER B 61 -17.84 6.47 -12.68
CA SER B 61 -17.83 5.04 -12.36
C SER B 61 -19.13 4.80 -11.60
N ALA B 62 -19.58 3.58 -11.54
CA ALA B 62 -20.81 3.27 -10.80
C ALA B 62 -20.63 3.54 -9.31
N SER B 63 -19.48 3.39 -8.73
CA SER B 63 -19.14 3.60 -7.33
C SER B 63 -19.15 5.04 -6.82
N VAL B 64 -19.24 5.96 -7.74
CA VAL B 64 -19.21 7.42 -7.70
C VAL B 64 -20.40 8.15 -8.23
N LYS B 65 -21.19 7.62 -9.12
CA LYS B 65 -22.36 8.27 -9.73
C LYS B 65 -23.31 8.87 -8.69
N GLY B 66 -23.80 10.05 -9.02
CA GLY B 66 -24.73 10.80 -8.21
C GLY B 66 -24.13 11.65 -7.12
N ARG B 67 -23.05 11.13 -6.56
CA ARG B 67 -22.32 11.73 -5.45
C ARG B 67 -21.18 12.64 -5.83
N PHE B 68 -20.46 12.39 -6.90
CA PHE B 68 -19.32 13.16 -7.41
C PHE B 68 -19.66 13.82 -8.74
N THR B 69 -19.20 15.05 -8.87
CA THR B 69 -19.36 15.89 -10.04
C THR B 69 -17.96 16.40 -10.40
N ILE B 70 -17.71 16.55 -11.67
CA ILE B 70 -16.50 17.00 -12.37
C ILE B 70 -16.77 18.37 -12.99
N SER B 71 -15.72 19.10 -13.27
CA SER B 71 -15.77 20.43 -13.87
C SER B 71 -14.33 20.83 -14.23
N ARG B 72 -14.34 21.71 -15.18
CA ARG B 72 -13.13 22.30 -15.73
C ARG B 72 -13.31 23.79 -15.48
N ASP B 73 -12.19 24.44 -15.43
CA ASP B 73 -12.15 25.91 -15.24
C ASP B 73 -11.04 26.25 -16.21
N ASN B 74 -11.41 26.01 -17.47
CA ASN B 74 -10.56 26.24 -18.66
C ASN B 74 -9.87 27.62 -18.45
N ALA B 75 -10.68 28.59 -18.04
CA ALA B 75 -10.20 29.95 -17.75
C ALA B 75 -9.08 29.99 -16.74
N GLN B 76 -9.07 29.08 -15.79
CA GLN B 76 -7.91 29.13 -14.84
C GLN B 76 -7.08 27.90 -15.08
N ASN B 77 -7.30 27.23 -16.22
CA ASN B 77 -6.59 25.99 -16.56
C ASN B 77 -6.61 25.03 -15.34
N ASN B 78 -7.82 24.84 -14.83
CA ASN B 78 -8.03 23.97 -13.68
C ASN B 78 -9.08 22.91 -13.84
N LEU B 79 -8.94 21.81 -13.12
CA LEU B 79 -9.92 20.72 -13.17
C LEU B 79 -10.47 20.46 -11.75
N TYR B 80 -11.77 20.56 -11.55
CA TYR B 80 -12.29 20.32 -10.17
C TYR B 80 -13.06 19.01 -10.12
N LEU B 81 -13.33 18.55 -8.92
CA LEU B 81 -14.04 17.36 -8.58
C LEU B 81 -14.77 17.59 -7.26
N GLN B 82 -16.08 17.49 -7.28
CA GLN B 82 -16.85 17.69 -6.01
C GLN B 82 -17.17 16.37 -5.31
N LEU B 83 -16.44 16.07 -4.24
CA LEU B 83 -16.68 14.82 -3.44
C LEU B 83 -17.90 15.06 -2.53
N ASN B 84 -19.02 14.32 -2.57
CA ASN B 84 -20.11 14.68 -1.67
C ASN B 84 -20.69 13.74 -0.67
N SER B 85 -20.99 12.49 -0.94
CA SER B 85 -21.57 11.81 0.30
C SER B 85 -20.49 10.76 0.48
N LEU B 86 -19.50 11.34 1.19
CA LEU B 86 -18.28 10.58 1.53
C LEU B 86 -18.71 9.47 2.50
N ARG B 87 -18.27 8.31 2.11
CA ARG B 87 -18.47 7.00 2.74
C ARG B 87 -17.08 6.45 3.09
N SER B 88 -16.95 5.54 4.03
CA SER B 88 -15.68 4.94 4.41
C SER B 88 -14.87 4.45 3.17
N GLU B 89 -15.55 3.72 2.31
CA GLU B 89 -15.10 3.09 1.07
C GLU B 89 -14.23 4.06 0.28
N ASP B 90 -14.50 5.36 0.45
CA ASP B 90 -13.80 6.47 -0.21
C ASP B 90 -12.44 6.92 0.26
N THR B 91 -11.90 6.64 1.41
CA THR B 91 -10.55 7.10 1.82
C THR B 91 -9.58 6.68 0.71
N ALA B 92 -8.78 7.49 0.08
CA ALA B 92 -7.88 7.03 -1.01
C ALA B 92 -6.98 8.13 -1.51
N LEU B 93 -6.07 7.81 -2.42
CA LEU B 93 -5.20 8.91 -2.96
C LEU B 93 -5.77 9.25 -4.34
N TYR B 94 -6.36 10.41 -4.48
CA TYR B 94 -6.97 10.97 -5.67
C TYR B 94 -6.00 11.67 -6.60
N PHE B 95 -5.80 11.08 -7.76
CA PHE B 95 -4.95 11.50 -8.84
C PHE B 95 -5.83 11.85 -10.05
N CYS B 96 -5.20 12.55 -10.98
CA CYS B 96 -5.70 13.01 -12.23
C CYS B 96 -4.64 12.73 -13.26
N ALA B 97 -5.15 12.10 -14.25
CA ALA B 97 -4.34 11.69 -15.40
C ALA B 97 -4.93 12.36 -16.63
N SER B 98 -4.02 12.54 -17.56
CA SER B 98 -4.36 13.16 -18.84
C SER B 98 -4.91 12.02 -19.73
N HIS B 99 -4.97 12.27 -20.96
CA HIS B 99 -5.48 11.32 -21.99
C HIS B 99 -4.65 10.02 -21.92
N ARG B 100 -5.38 8.93 -21.92
CA ARG B 100 -4.84 7.55 -21.87
C ARG B 100 -3.73 7.39 -20.84
N PHE B 101 -4.00 7.98 -19.69
CA PHE B 101 -3.24 8.05 -18.45
C PHE B 101 -1.74 8.16 -18.72
N VAL B 102 -1.43 8.99 -19.73
CA VAL B 102 -0.01 9.22 -20.11
C VAL B 102 0.68 9.96 -18.96
N HIS B 103 0.19 11.18 -18.69
CA HIS B 103 0.67 12.05 -17.62
C HIS B 103 -0.23 11.93 -16.38
N TRP B 104 0.39 11.95 -15.22
CA TRP B 104 -0.24 11.85 -13.90
C TRP B 104 0.29 12.88 -12.91
N GLY B 105 -0.63 13.44 -12.15
CA GLY B 105 -0.17 14.43 -11.13
C GLY B 105 0.13 13.64 -9.83
N HIS B 106 0.79 14.26 -8.86
CA HIS B 106 1.16 13.65 -7.58
C HIS B 106 0.12 13.13 -6.62
N GLY B 107 -1.17 13.34 -6.68
CA GLY B 107 -2.20 12.84 -5.74
C GLY B 107 -2.51 13.71 -4.55
N THR B 108 -3.59 13.41 -3.85
CA THR B 108 -4.08 14.09 -2.67
C THR B 108 -5.00 13.16 -1.85
N LEU B 109 -4.45 12.88 -0.69
CA LEU B 109 -5.16 12.00 0.24
C LEU B 109 -6.36 12.64 0.87
N VAL B 110 -7.47 11.94 0.78
CA VAL B 110 -8.73 12.33 1.42
C VAL B 110 -8.89 11.09 2.40
N THR B 111 -9.27 11.36 3.61
CA THR B 111 -9.46 10.31 4.63
C THR B 111 -10.82 10.54 5.26
N VAL B 112 -11.69 9.55 5.14
CA VAL B 112 -13.06 9.75 5.74
C VAL B 112 -13.03 9.21 7.16
N SER B 113 -12.85 10.00 8.22
CA SER B 113 -12.83 9.41 9.60
C SER B 113 -13.54 10.25 10.68
N ALA B 114 -13.42 9.68 11.91
CA ALA B 114 -14.04 10.23 13.15
C ALA B 114 -13.32 11.51 13.74
N LYS B 115 -12.07 11.38 14.34
CA LYS B 115 -11.40 12.65 14.95
C LYS B 115 -9.93 12.46 15.51
N THR B 116 -9.25 13.65 15.72
CA THR B 116 -7.81 13.74 16.24
C THR B 116 -7.65 13.10 17.64
N THR B 117 -6.53 12.32 17.75
CA THR B 117 -6.20 11.58 18.99
C THR B 117 -4.72 11.29 19.08
N PRO B 118 -4.08 11.52 20.22
CA PRO B 118 -2.66 11.25 20.52
C PRO B 118 -2.45 9.75 20.69
N PRO B 119 -1.33 9.21 20.26
CA PRO B 119 -0.98 7.80 20.32
C PRO B 119 -0.64 7.23 21.70
N SER B 120 -1.05 5.98 21.80
CA SER B 120 -0.89 5.06 22.93
C SER B 120 0.24 4.08 22.50
N VAL B 121 1.28 4.17 23.29
CA VAL B 121 2.50 3.33 23.05
C VAL B 121 2.46 2.11 23.97
N TYR B 122 2.93 1.02 23.41
CA TYR B 122 3.01 -0.32 24.05
C TYR B 122 4.37 -0.84 23.69
N PRO B 123 5.05 -1.27 24.73
CA PRO B 123 6.41 -1.80 24.59
C PRO B 123 6.27 -3.27 24.21
N LEU B 124 6.95 -3.67 23.15
CA LEU B 124 6.84 -5.08 22.75
C LEU B 124 8.17 -5.75 23.04
N ALA B 125 8.05 -6.66 23.97
CA ALA B 125 9.18 -7.44 24.46
C ALA B 125 8.90 -8.92 24.25
N PRO B 126 9.95 -9.64 23.87
CA PRO B 126 9.91 -11.08 23.63
C PRO B 126 9.37 -11.88 24.80
N GLY B 127 8.52 -12.87 24.54
CA GLY B 127 7.97 -13.65 25.66
C GLY B 127 8.97 -14.61 26.24
N SER B 128 9.64 -14.35 27.33
CA SER B 128 10.67 -15.20 27.99
C SER B 128 11.52 -15.89 26.93
N ALA B 129 12.12 -15.02 26.12
CA ALA B 129 12.96 -15.37 24.99
C ALA B 129 14.37 -15.92 25.23
N ALA B 130 14.91 -16.40 24.14
CA ALA B 130 16.13 -16.98 23.68
C ALA B 130 16.87 -15.94 22.81
N GLN B 131 17.94 -16.37 22.16
CA GLN B 131 18.84 -15.61 21.27
C GLN B 131 19.46 -16.59 20.27
N THR B 132 18.78 -16.75 19.14
CA THR B 132 19.28 -17.70 18.10
C THR B 132 20.66 -17.27 17.58
N ASN B 133 20.71 -16.04 17.14
CA ASN B 133 21.90 -15.36 16.60
C ASN B 133 22.54 -14.52 17.66
N SER B 134 22.18 -14.73 18.94
CA SER B 134 22.74 -13.88 20.07
C SER B 134 22.36 -12.43 19.75
N MET B 135 21.22 -12.28 19.10
CA MET B 135 20.46 -11.18 18.54
C MET B 135 19.01 -11.25 19.02
N VAL B 136 18.52 -10.17 19.58
CA VAL B 136 17.14 -10.02 20.13
C VAL B 136 16.42 -8.83 19.49
N THR B 137 15.14 -9.00 19.20
CA THR B 137 14.28 -8.02 18.59
C THR B 137 13.18 -7.55 19.57
N LEU B 138 13.23 -6.24 19.70
CA LEU B 138 12.30 -5.49 20.54
C LEU B 138 11.57 -4.53 19.57
N GLY B 139 10.39 -4.14 19.98
CA GLY B 139 9.51 -3.25 19.26
C GLY B 139 8.73 -2.35 20.21
N CYS B 140 7.90 -1.55 19.58
CA CYS B 140 7.00 -0.58 20.13
C CYS B 140 5.71 -0.53 19.30
N LEU B 141 4.57 -0.68 19.97
CA LEU B 141 3.32 -0.61 19.23
C LEU B 141 2.72 0.79 19.44
N VAL B 142 2.81 1.61 18.41
CA VAL B 142 2.27 2.98 18.39
C VAL B 142 0.78 2.84 17.97
N LYS B 143 -0.12 2.69 18.92
CA LYS B 143 -1.55 2.50 18.59
C LYS B 143 -2.46 3.66 18.82
N GLY B 144 -3.55 3.68 18.07
CA GLY B 144 -4.66 4.58 17.98
C GLY B 144 -4.53 6.05 17.79
N TYR B 145 -3.69 6.52 16.88
CA TYR B 145 -3.45 7.92 16.58
C TYR B 145 -4.17 8.50 15.38
N PHE B 146 -4.41 9.81 15.50
CA PHE B 146 -5.10 10.56 14.42
C PHE B 146 -4.80 12.05 14.44
N PRO B 147 -4.27 12.69 13.41
CA PRO B 147 -3.90 12.20 12.09
C PRO B 147 -2.45 11.80 11.90
N GLU B 148 -2.05 11.51 10.67
CA GLU B 148 -0.61 11.15 10.43
C GLU B 148 0.19 12.41 10.33
N PRO B 149 1.52 12.42 10.36
CA PRO B 149 2.48 11.35 10.50
C PRO B 149 2.94 11.11 11.92
N VAL B 150 3.90 10.22 12.09
CA VAL B 150 4.47 9.90 13.43
C VAL B 150 5.99 9.82 13.26
N THR B 151 6.62 10.04 14.39
CA THR B 151 8.12 9.97 14.30
C THR B 151 8.52 8.99 15.35
N VAL B 152 9.18 7.94 14.92
CA VAL B 152 9.62 6.86 15.86
C VAL B 152 11.12 6.72 15.67
N THR B 153 11.84 6.78 16.76
CA THR B 153 13.30 6.67 16.88
C THR B 153 13.65 5.84 18.13
N TRP B 154 14.81 5.23 18.06
CA TRP B 154 15.28 4.39 19.18
C TRP B 154 16.48 5.06 19.79
N ASN B 155 16.51 5.26 21.11
CA ASN B 155 17.67 5.88 21.83
C ASN B 155 18.16 7.07 21.02
N SER B 156 17.14 7.78 20.59
CA SER B 156 17.07 8.97 19.78
C SER B 156 18.26 9.15 18.84
N GLY B 157 18.30 8.21 17.89
CA GLY B 157 19.36 8.27 16.89
C GLY B 157 20.27 7.08 16.90
N SER B 158 20.82 6.93 18.08
CA SER B 158 21.78 5.90 18.49
C SER B 158 21.44 4.58 17.81
N LEU B 159 20.21 4.11 18.02
CA LEU B 159 19.92 2.84 17.27
C LEU B 159 19.31 3.39 15.96
N SER B 160 20.05 3.09 14.92
CA SER B 160 19.85 3.43 13.52
C SER B 160 19.74 2.18 12.65
N SER B 161 20.76 1.31 12.70
CA SER B 161 20.73 0.06 11.92
C SER B 161 19.93 -0.98 12.74
N GLY B 162 19.24 -1.86 12.04
CA GLY B 162 18.46 -2.90 12.74
C GLY B 162 17.00 -2.57 12.76
N VAL B 163 16.75 -1.28 12.80
CA VAL B 163 15.48 -0.61 12.83
C VAL B 163 14.66 -0.86 11.55
N HIS B 164 13.41 -1.17 11.79
CA HIS B 164 12.42 -1.40 10.75
C HIS B 164 11.10 -0.76 11.16
N THR B 165 10.82 0.40 10.60
CA THR B 165 9.55 1.07 10.92
C THR B 165 8.60 0.69 9.75
N PHE B 166 7.44 0.20 10.08
CA PHE B 166 6.45 -0.21 9.11
C PHE B 166 5.37 0.84 8.92
N PRO B 167 4.74 0.87 7.74
CA PRO B 167 3.65 1.77 7.39
C PRO B 167 2.43 1.58 8.28
N ALA B 168 1.67 2.64 8.43
CA ALA B 168 0.45 2.60 9.26
C ALA B 168 -0.60 1.78 8.52
N VAL B 169 -1.61 1.43 9.24
CA VAL B 169 -2.81 0.64 8.94
C VAL B 169 -3.95 1.34 9.68
N LEU B 170 -4.98 1.83 9.06
CA LEU B 170 -6.14 2.50 9.62
C LEU B 170 -7.24 1.53 10.00
N GLU B 171 -7.86 1.38 11.18
CA GLU B 171 -8.94 0.33 11.28
C GLU B 171 -10.26 0.92 11.80
N SER B 172 -10.40 1.42 12.99
CA SER B 172 -11.70 2.00 13.47
C SER B 172 -11.47 3.50 13.64
N ASP B 173 -11.33 4.16 12.50
CA ASP B 173 -11.07 5.61 12.36
C ASP B 173 -9.78 6.02 13.07
N LEU B 174 -8.84 5.10 13.29
CA LEU B 174 -7.56 5.44 13.98
C LEU B 174 -6.40 4.66 13.38
N TYR B 175 -5.22 5.16 13.32
CA TYR B 175 -4.09 4.36 12.76
C TYR B 175 -3.49 3.38 13.76
N THR B 176 -2.63 2.50 13.30
CA THR B 176 -1.89 1.47 14.04
C THR B 176 -0.54 1.37 13.28
N LEU B 177 0.51 1.68 13.97
CA LEU B 177 1.89 1.64 13.45
C LEU B 177 2.70 0.71 14.41
N SER B 178 3.83 0.27 13.92
CA SER B 178 4.76 -0.61 14.59
C SER B 178 6.18 -0.33 14.15
N SER B 179 7.10 -0.61 15.05
CA SER B 179 8.54 -0.41 14.78
C SER B 179 9.34 -1.41 15.59
N SER B 180 10.58 -1.63 15.15
CA SER B 180 11.45 -2.57 15.89
C SER B 180 12.93 -2.29 15.60
N VAL B 181 13.74 -2.94 16.40
CA VAL B 181 15.20 -2.92 16.36
C VAL B 181 15.70 -4.29 16.82
N THR B 182 16.88 -4.62 16.34
CA THR B 182 17.43 -5.93 16.74
C THR B 182 18.86 -5.62 17.13
N VAL B 183 18.98 -6.02 18.39
CA VAL B 183 20.26 -5.83 19.08
C VAL B 183 20.85 -7.15 19.48
N PRO B 184 22.18 -7.17 19.59
CA PRO B 184 22.84 -8.39 20.07
C PRO B 184 22.36 -8.63 21.50
N SER B 185 22.28 -9.84 21.98
CA SER B 185 21.78 -10.05 23.38
C SER B 185 22.73 -9.50 24.42
N SER B 186 23.83 -8.90 23.99
CA SER B 186 24.85 -8.19 24.83
C SER B 186 24.11 -6.89 25.24
N PRO B 187 23.78 -5.91 24.43
CA PRO B 187 23.06 -4.68 24.83
C PRO B 187 21.79 -4.79 25.59
N ARG B 188 20.83 -5.64 25.35
CA ARG B 188 19.60 -5.67 26.16
C ARG B 188 19.52 -7.00 26.91
N PRO B 189 19.10 -7.12 28.13
CA PRO B 189 18.65 -6.12 29.10
C PRO B 189 19.75 -5.37 29.82
N SER B 190 21.02 -5.67 29.63
CA SER B 190 22.17 -4.99 30.25
C SER B 190 21.94 -3.47 30.13
N GLU B 191 21.84 -2.98 28.91
CA GLU B 191 21.60 -1.56 28.66
C GLU B 191 20.17 -1.36 28.22
N THR B 192 19.64 -0.12 28.32
CA THR B 192 18.23 0.01 27.87
C THR B 192 18.09 0.67 26.51
N VAL B 193 16.98 0.27 25.96
CA VAL B 193 16.38 0.58 24.68
C VAL B 193 15.04 1.25 25.00
N THR B 194 14.97 2.47 24.50
CA THR B 194 13.81 3.34 24.61
C THR B 194 13.40 3.71 23.16
N CYS B 195 12.10 3.78 22.96
CA CYS B 195 11.45 4.16 21.69
C CYS B 195 10.70 5.49 21.98
N ASN B 196 11.18 6.45 21.26
CA ASN B 196 10.83 7.90 21.22
C ASN B 196 9.87 8.10 20.04
N VAL B 197 8.63 8.21 20.42
CA VAL B 197 7.45 8.39 19.54
C VAL B 197 6.90 9.79 19.69
N ALA B 198 6.69 10.46 18.58
CA ALA B 198 6.12 11.84 18.61
C ALA B 198 5.02 11.93 17.53
N HIS B 199 3.84 12.36 17.88
CA HIS B 199 2.61 12.58 17.07
C HIS B 199 2.64 14.12 17.09
N PRO B 200 3.44 14.57 16.13
CA PRO B 200 3.72 15.98 15.99
C PRO B 200 2.44 16.78 15.94
N ALA B 201 1.48 16.43 15.13
CA ALA B 201 0.21 17.20 15.12
C ALA B 201 -0.24 17.50 16.57
N SER B 202 -0.56 16.51 17.35
CA SER B 202 -1.00 16.59 18.73
C SER B 202 0.01 17.16 19.70
N SER B 203 1.25 17.25 19.27
CA SER B 203 2.36 17.78 20.11
C SER B 203 2.52 16.90 21.35
N THR B 204 2.55 15.62 21.01
CA THR B 204 2.71 14.49 21.88
C THR B 204 4.16 14.00 21.64
N LYS B 205 4.74 13.74 22.78
CA LYS B 205 6.12 13.19 22.91
C LYS B 205 5.86 12.10 23.96
N VAL B 206 6.39 10.94 23.70
CA VAL B 206 6.23 9.78 24.60
C VAL B 206 7.50 8.93 24.43
N ASP B 207 7.92 8.44 25.56
CA ASP B 207 9.12 7.58 25.67
C ASP B 207 8.67 6.32 26.39
N LYS B 208 9.14 5.20 25.89
CA LYS B 208 8.79 3.91 26.53
C LYS B 208 10.13 3.20 26.74
N LYS B 209 10.30 2.74 27.97
CA LYS B 209 11.60 2.00 28.20
C LYS B 209 11.15 0.51 28.10
N ILE B 210 11.76 -0.22 27.19
CA ILE B 210 11.45 -1.67 27.01
C ILE B 210 12.24 -2.40 28.14
N VAL B 211 11.53 -2.98 29.07
CA VAL B 211 11.87 -3.74 30.27
C VAL B 211 11.42 -5.19 30.08
N PRO B 212 12.21 -6.12 30.56
CA PRO B 212 11.90 -7.57 30.41
C PRO B 212 10.50 -8.01 30.72
N ARG B 213 10.10 -9.20 30.25
CA ARG B 213 8.72 -9.59 30.48
C ARG B 213 7.96 -10.37 31.51
FE FE C . -9.50 8.59 -25.87
C15 EOT D . -17.49 7.28 -26.40
C16 EOT D . -17.04 8.57 -26.74
C17 EOT D . -15.77 8.78 -27.29
C12 EOT D . -14.92 7.68 -27.50
C13 EOT D . -15.34 6.39 -27.15
C14 EOT D . -16.63 6.19 -26.62
N3 EOT D . -18.78 7.18 -25.96
C18 EOT D . -19.95 7.78 -26.29
S1 EOT D . -20.14 8.84 -27.59
N4 EOT D . -21.01 7.39 -25.57
C19 EOT D . -22.33 7.91 -25.77
C20 EOT D . -23.15 7.49 -24.57
O9 EOT D . -24.52 7.80 -24.78
C11 EOT D . -13.57 7.79 -27.99
C1 EOT D . -12.61 8.05 -26.76
C2 EOT D . -12.11 6.69 -26.36
N1 EOT D . -11.51 8.92 -27.26
C9 EOT D . -11.85 10.33 -27.28
C10 EOT D . -10.80 11.23 -26.69
O7 EOT D . -9.79 10.62 -26.17
O8 EOT D . -10.93 12.45 -26.69
C7 EOT D . -10.98 8.45 -28.64
C8 EOT D . -9.53 8.44 -28.78
O5 EOT D . -8.81 8.67 -27.69
O6 EOT D . -8.98 8.32 -29.85
N2 EOT D . -10.95 6.82 -25.44
C5 EOT D . -10.06 5.61 -25.53
C6 EOT D . -8.61 5.91 -25.33
O3 EOT D . -8.26 7.12 -25.61
O4 EOT D . -7.79 5.03 -25.00
C3 EOT D . -11.34 7.09 -24.07
C4 EOT D . -10.48 7.95 -23.23
O1 EOT D . -9.63 8.65 -23.91
O2 EOT D . -10.56 7.98 -22.01
#